data_7SJP
#
_entry.id   7SJP
#
_cell.length_a   60.193
_cell.length_b   90.212
_cell.length_c   106.310
_cell.angle_alpha   90.000
_cell.angle_beta   90.000
_cell.angle_gamma   90.000
#
_symmetry.space_group_name_H-M   'P 21 21 21'
#
loop_
_entity.id
_entity.type
_entity.pdbx_description
1 polymer 'HtrA1-LoopA peptide'
2 polymer 'Heavy Chain'
3 polymer 'Light Chain'
4 non-polymer 'SULFATE ION'
5 non-polymer GLYCEROL
6 water water
#
loop_
_entity_poly.entity_id
_entity_poly.type
_entity_poly.pdbx_seq_one_letter_code
_entity_poly.pdbx_strand_id
1 'polypeptide(L)' RKLPFSKREVP E
2 'polypeptide(L)'
;EVQLVQSGAEVKKPGASVKVSCKASGYKFTDSEMHWVRQAPGQGLEWIGGVDPETEGAAYNQKFKGRATITRDTSTSTAY
LELSSLRSEDTAVYYCTRGYDYDYALDYWGQGTLVTVSSASTKGPSVFPLAPSSKSTSGGTAALGCLVKDYFPEPVTVSW
NSGALTSGVHTFPAVLQSSGLYSLSSVVTVPSSSLGTQTYICNVNHKPSNTKVDKKVEPKSCDKTHT
;
H
3 'polypeptide(L)'
;DIQMTQSPSSLSASVGDRVTITCRASSSVEFIHWYQQKPGKAPKPLISATSNLASGVPSRFSGSGSGTDFTLTISSLQPE
DFATYYCQQWSSAPWTFGQGTKVEIKRTVAAPSVFIFPPSDEQLKSGTASVVCLLNNFYPREAKVQWKVDNALQSGNSQE
SVTEQDSKDSTYSLSSTLTLSKADYEKHKVYACEVTHQGLSSPVTKSFNRGEC
;
L
#
loop_
_chem_comp.id
_chem_comp.type
_chem_comp.name
_chem_comp.formula
GOL non-polymer GLYCEROL 'C3 H8 O3'
SO4 non-polymer 'SULFATE ION' 'O4 S -2'
#
# COMPACT_ATOMS: atom_id res chain seq x y z
N ARG A 1 -12.41 -2.28 -32.35
CA ARG A 1 -12.39 -2.21 -30.88
C ARG A 1 -13.78 -2.60 -30.35
N LYS A 2 -13.83 -3.71 -29.61
CA LYS A 2 -15.06 -4.26 -29.03
C LYS A 2 -15.03 -4.06 -27.50
N LEU A 3 -15.99 -3.30 -26.92
CA LEU A 3 -16.00 -3.02 -25.47
C LEU A 3 -16.15 -4.30 -24.66
N PRO A 4 -15.35 -4.49 -23.59
CA PRO A 4 -15.30 -5.80 -22.90
C PRO A 4 -16.63 -6.46 -22.53
N PHE A 5 -17.52 -5.75 -21.83
CA PHE A 5 -18.79 -6.33 -21.41
C PHE A 5 -19.83 -6.25 -22.51
N SER A 6 -20.22 -5.01 -22.89
CA SER A 6 -21.30 -4.72 -23.85
C SER A 6 -21.05 -5.25 -25.23
N LYS A 7 -19.77 -5.42 -25.62
CA LYS A 7 -19.31 -5.87 -26.93
C LYS A 7 -19.62 -4.84 -28.02
N ARG A 8 -19.85 -3.56 -27.62
CA ARG A 8 -20.13 -2.46 -28.55
C ARG A 8 -18.88 -2.14 -29.39
N GLU A 9 -19.09 -2.04 -30.70
CA GLU A 9 -18.05 -1.71 -31.66
C GLU A 9 -17.81 -0.19 -31.66
N VAL A 10 -16.54 0.19 -31.56
CA VAL A 10 -16.08 1.56 -31.60
C VAL A 10 -14.90 1.64 -32.59
N PRO A 11 -15.07 2.33 -33.75
CA PRO A 11 -13.96 2.37 -34.74
C PRO A 11 -12.83 3.30 -34.33
N GLU B 1 -2.73 12.21 -21.76
CA GLU B 1 -2.46 11.20 -20.73
C GLU B 1 -3.77 10.78 -20.07
N VAL B 2 -4.04 9.46 -20.02
CA VAL B 2 -5.24 8.91 -19.39
C VAL B 2 -5.08 8.99 -17.87
N GLN B 3 -6.10 9.54 -17.17
CA GLN B 3 -6.13 9.63 -15.71
C GLN B 3 -7.50 9.23 -15.19
N LEU B 4 -7.52 8.47 -14.11
CA LEU B 4 -8.75 8.08 -13.43
C LEU B 4 -8.54 8.56 -11.99
N VAL B 5 -9.30 9.59 -11.59
CA VAL B 5 -9.12 10.18 -10.26
C VAL B 5 -10.33 9.89 -9.40
N GLN B 6 -10.09 9.16 -8.32
CA GLN B 6 -11.12 8.77 -7.39
C GLN B 6 -11.22 9.73 -6.20
N SER B 7 -12.47 9.70 -5.65
CA SER B 7 -12.82 10.41 -4.42
C SER B 7 -12.07 9.78 -3.22
N GLY B 8 -11.98 10.55 -2.14
CA GLY B 8 -11.22 10.21 -0.94
C GLY B 8 -11.80 9.06 -0.13
N ALA B 9 -10.98 8.53 0.77
CA ALA B 9 -11.36 7.45 1.69
C ALA B 9 -12.52 7.85 2.57
N GLU B 10 -13.37 6.87 2.91
CA GLU B 10 -14.55 7.16 3.73
C GLU B 10 -14.79 6.13 4.79
N VAL B 11 -15.40 6.55 5.89
CA VAL B 11 -15.86 5.66 6.94
C VAL B 11 -17.40 5.76 6.93
N LYS B 12 -18.06 4.62 6.99
CA LYS B 12 -19.52 4.54 7.00
C LYS B 12 -19.96 3.53 8.02
N LYS B 13 -21.09 3.80 8.67
CA LYS B 13 -21.64 2.89 9.66
C LYS B 13 -22.29 1.67 8.97
N PRO B 14 -22.36 0.49 9.63
CA PRO B 14 -23.08 -0.66 9.04
C PRO B 14 -24.53 -0.30 8.68
N GLY B 15 -25.00 -0.75 7.52
CA GLY B 15 -26.35 -0.44 7.03
C GLY B 15 -26.44 0.83 6.20
N ALA B 16 -25.45 1.74 6.33
CA ALA B 16 -25.39 2.99 5.55
C ALA B 16 -24.95 2.68 4.11
N SER B 17 -24.94 3.69 3.27
CA SER B 17 -24.48 3.52 1.90
C SER B 17 -23.27 4.42 1.64
N VAL B 18 -22.49 4.09 0.62
CA VAL B 18 -21.33 4.87 0.20
C VAL B 18 -21.42 5.11 -1.31
N LYS B 19 -21.02 6.29 -1.76
CA LYS B 19 -20.97 6.60 -3.18
C LYS B 19 -19.60 7.15 -3.50
N VAL B 20 -18.87 6.40 -4.30
CA VAL B 20 -17.50 6.67 -4.77
C VAL B 20 -17.58 7.21 -6.20
N SER B 21 -16.74 8.22 -6.51
CA SER B 21 -16.66 8.80 -7.84
C SER B 21 -15.32 8.45 -8.51
N CYS B 22 -15.29 8.49 -9.83
CA CYS B 22 -14.12 8.25 -10.63
C CYS B 22 -14.19 9.20 -11.81
N LYS B 23 -13.41 10.30 -11.73
CA LYS B 23 -13.32 11.34 -12.74
C LYS B 23 -12.30 10.93 -13.80
N ALA B 24 -12.74 10.78 -15.05
CA ALA B 24 -11.84 10.35 -16.12
C ALA B 24 -11.41 11.51 -17.00
N SER B 25 -10.19 11.43 -17.55
CA SER B 25 -9.64 12.41 -18.49
C SER B 25 -8.61 11.76 -19.40
N GLY B 26 -8.30 12.40 -20.53
CA GLY B 26 -7.28 11.97 -21.49
C GLY B 26 -7.75 11.03 -22.60
N TYR B 27 -9.07 10.77 -22.65
CA TYR B 27 -9.70 9.88 -23.64
C TYR B 27 -11.19 10.17 -23.79
N LYS B 28 -11.83 9.61 -24.83
CA LYS B 28 -13.26 9.78 -25.07
C LYS B 28 -14.04 8.89 -24.09
N PHE B 29 -14.54 9.51 -23.01
CA PHE B 29 -15.27 8.82 -21.93
C PHE B 29 -16.42 7.95 -22.39
N THR B 30 -17.21 8.45 -23.37
CA THR B 30 -18.38 7.73 -23.86
C THR B 30 -18.05 6.52 -24.75
N ASP B 31 -16.78 6.40 -25.18
CA ASP B 31 -16.34 5.32 -26.06
C ASP B 31 -15.57 4.18 -25.33
N SER B 32 -15.56 4.19 -24.01
CA SER B 32 -14.97 3.13 -23.22
C SER B 32 -15.92 2.77 -22.09
N GLU B 33 -15.71 1.61 -21.46
CA GLU B 33 -16.50 1.19 -20.31
C GLU B 33 -15.75 1.54 -19.04
N MET B 34 -16.49 1.78 -17.95
CA MET B 34 -15.85 1.94 -16.67
C MET B 34 -16.29 0.80 -15.79
N HIS B 35 -15.33 0.10 -15.19
CA HIS B 35 -15.55 -1.02 -14.30
C HIS B 35 -15.08 -0.73 -12.90
N TRP B 36 -15.72 -1.38 -11.93
CA TRP B 36 -15.42 -1.28 -10.51
C TRP B 36 -14.97 -2.64 -10.03
N VAL B 37 -13.83 -2.63 -9.35
CA VAL B 37 -13.16 -3.81 -8.84
C VAL B 37 -12.81 -3.51 -7.39
N ARG B 38 -13.09 -4.44 -6.48
CA ARG B 38 -12.67 -4.19 -5.11
C ARG B 38 -11.63 -5.19 -4.64
N GLN B 39 -10.82 -4.77 -3.68
CA GLN B 39 -9.79 -5.55 -3.05
C GLN B 39 -10.03 -5.49 -1.56
N ALA B 40 -10.55 -6.59 -1.07
CA ALA B 40 -10.93 -6.80 0.32
C ALA B 40 -9.86 -7.67 0.97
N PRO B 41 -9.66 -7.56 2.31
CA PRO B 41 -8.65 -8.41 2.96
C PRO B 41 -8.83 -9.89 2.66
N GLY B 42 -10.09 -10.35 2.71
CA GLY B 42 -10.47 -11.74 2.49
C GLY B 42 -10.13 -12.35 1.15
N GLN B 43 -10.15 -11.55 0.08
CA GLN B 43 -9.89 -12.02 -1.29
C GLN B 43 -8.78 -11.22 -1.96
N GLY B 44 -8.61 -11.48 -3.24
CA GLY B 44 -7.71 -10.71 -4.07
C GLY B 44 -8.57 -9.61 -4.63
N LEU B 45 -8.93 -9.77 -5.90
CA LEU B 45 -9.73 -8.78 -6.63
C LEU B 45 -11.04 -9.37 -7.02
N GLU B 46 -12.08 -8.55 -6.93
CA GLU B 46 -13.43 -8.96 -7.28
C GLU B 46 -14.09 -7.87 -8.13
N TRP B 47 -14.62 -8.29 -9.27
CA TRP B 47 -15.35 -7.42 -10.17
C TRP B 47 -16.73 -7.17 -9.57
N ILE B 48 -17.10 -5.90 -9.42
CA ILE B 48 -18.41 -5.50 -8.86
C ILE B 48 -19.43 -5.35 -9.98
N GLY B 49 -19.02 -4.62 -11.00
CA GLY B 49 -19.85 -4.31 -12.14
C GLY B 49 -19.22 -3.21 -12.95
N GLY B 50 -19.92 -2.82 -14.00
CA GLY B 50 -19.43 -1.76 -14.87
C GLY B 50 -20.47 -1.14 -15.74
N VAL B 51 -20.05 -0.15 -16.52
CA VAL B 51 -20.98 0.58 -17.36
C VAL B 51 -20.37 0.98 -18.69
N ASP B 52 -21.15 0.82 -19.75
CA ASP B 52 -20.82 1.34 -21.08
C ASP B 52 -21.73 2.57 -21.18
N PRO B 53 -21.17 3.80 -21.20
CA PRO B 53 -22.02 5.01 -21.28
C PRO B 53 -23.08 5.07 -22.40
N GLU B 54 -22.89 4.35 -23.52
CA GLU B 54 -23.87 4.37 -24.62
C GLU B 54 -24.94 3.24 -24.51
N THR B 55 -25.33 2.88 -23.27
CA THR B 55 -26.29 1.80 -22.96
C THR B 55 -27.44 2.24 -21.99
N GLU B 56 -27.25 3.34 -21.21
CA GLU B 56 -28.19 3.88 -20.21
C GLU B 56 -28.44 2.90 -19.02
N GLY B 57 -27.69 1.80 -19.00
CA GLY B 57 -27.76 0.76 -17.99
C GLY B 57 -26.41 0.55 -17.35
N ALA B 58 -26.22 -0.62 -16.70
CA ALA B 58 -25.02 -1.06 -16.01
C ALA B 58 -25.06 -2.58 -15.86
N ALA B 59 -23.90 -3.20 -15.80
CA ALA B 59 -23.79 -4.65 -15.58
C ALA B 59 -23.27 -4.86 -14.15
N TYR B 60 -23.79 -5.89 -13.49
CA TYR B 60 -23.37 -6.22 -12.14
C TYR B 60 -23.00 -7.67 -12.07
N ASN B 61 -22.07 -7.95 -11.16
CA ASN B 61 -21.75 -9.30 -10.73
C ASN B 61 -22.99 -9.63 -9.86
N GLN B 62 -23.59 -10.80 -10.04
CA GLN B 62 -24.74 -11.27 -9.27
C GLN B 62 -24.59 -11.03 -7.73
N LYS B 63 -23.36 -11.17 -7.19
CA LYS B 63 -23.07 -10.94 -5.76
C LYS B 63 -23.48 -9.56 -5.27
N PHE B 64 -23.33 -8.54 -6.13
CA PHE B 64 -23.60 -7.13 -5.78
C PHE B 64 -24.95 -6.62 -6.29
N LYS B 65 -25.65 -7.42 -7.12
CA LYS B 65 -26.95 -7.05 -7.69
C LYS B 65 -27.95 -6.69 -6.58
N GLY B 66 -28.58 -5.52 -6.70
CA GLY B 66 -29.58 -5.08 -5.72
C GLY B 66 -28.97 -4.33 -4.55
N ARG B 67 -27.64 -4.29 -4.46
CA ARG B 67 -26.93 -3.61 -3.39
C ARG B 67 -26.03 -2.54 -3.97
N ALA B 68 -25.57 -2.72 -5.20
CA ALA B 68 -24.72 -1.74 -5.87
C ALA B 68 -25.50 -1.00 -6.94
N THR B 69 -25.14 0.26 -7.18
CA THR B 69 -25.68 1.09 -8.23
C THR B 69 -24.51 1.77 -8.87
N ILE B 70 -24.34 1.54 -10.17
CA ILE B 70 -23.26 2.14 -10.93
C ILE B 70 -23.92 3.11 -11.88
N THR B 71 -23.43 4.37 -11.87
CA THR B 71 -23.97 5.45 -12.69
C THR B 71 -22.84 6.16 -13.38
N ARG B 72 -23.14 7.12 -14.23
CA ARG B 72 -22.14 7.90 -14.96
C ARG B 72 -22.72 9.21 -15.42
N ASP B 73 -21.90 10.25 -15.36
CA ASP B 73 -22.26 11.59 -15.79
C ASP B 73 -21.34 11.88 -16.98
N THR B 74 -21.86 11.72 -18.22
CA THR B 74 -21.09 11.93 -19.47
C THR B 74 -20.58 13.36 -19.64
N SER B 75 -21.29 14.35 -19.04
CA SER B 75 -20.91 15.76 -19.09
C SER B 75 -19.65 16.09 -18.30
N THR B 76 -19.41 15.38 -17.17
CA THR B 76 -18.23 15.61 -16.31
C THR B 76 -17.21 14.46 -16.43
N SER B 77 -17.52 13.46 -17.28
CA SER B 77 -16.71 12.22 -17.50
C SER B 77 -16.48 11.53 -16.16
N THR B 78 -17.53 11.43 -15.33
CA THR B 78 -17.40 10.81 -14.01
C THR B 78 -18.30 9.59 -13.91
N ALA B 79 -17.71 8.51 -13.38
CA ALA B 79 -18.38 7.24 -13.11
C ALA B 79 -18.53 7.14 -11.60
N TYR B 80 -19.63 6.55 -11.16
CA TYR B 80 -19.89 6.44 -9.75
C TYR B 80 -20.27 5.05 -9.37
N LEU B 81 -19.85 4.62 -8.17
CA LEU B 81 -20.24 3.36 -7.61
C LEU B 81 -20.87 3.68 -6.28
N GLU B 82 -22.12 3.28 -6.12
CA GLU B 82 -22.83 3.38 -4.86
C GLU B 82 -23.05 1.96 -4.31
N LEU B 83 -22.59 1.70 -3.08
CA LEU B 83 -22.81 0.42 -2.39
C LEU B 83 -23.65 0.67 -1.14
N SER B 84 -24.76 -0.04 -1.05
CA SER B 84 -25.73 0.14 0.02
C SER B 84 -25.72 -1.01 1.03
N SER B 85 -26.48 -0.86 2.14
CA SER B 85 -26.58 -1.85 3.24
C SER B 85 -25.15 -2.37 3.60
N LEU B 86 -24.24 -1.44 3.86
CA LEU B 86 -22.84 -1.75 4.13
C LEU B 86 -22.65 -2.67 5.33
N ARG B 87 -21.76 -3.67 5.17
CA ARG B 87 -21.40 -4.66 6.17
C ARG B 87 -19.90 -4.63 6.37
N SER B 88 -19.40 -5.27 7.44
CA SER B 88 -17.97 -5.38 7.78
C SER B 88 -17.16 -5.88 6.60
N GLU B 89 -17.67 -6.91 5.89
CA GLU B 89 -17.07 -7.53 4.70
C GLU B 89 -16.93 -6.53 3.52
N ASP B 90 -17.54 -5.33 3.61
CA ASP B 90 -17.44 -4.32 2.55
C ASP B 90 -16.24 -3.39 2.73
N THR B 91 -15.54 -3.49 3.89
CA THR B 91 -14.32 -2.70 4.12
C THR B 91 -13.32 -3.16 3.06
N ALA B 92 -12.93 -2.26 2.13
CA ALA B 92 -12.08 -2.65 1.00
C ALA B 92 -11.64 -1.45 0.25
N VAL B 93 -10.65 -1.63 -0.62
CA VAL B 93 -10.20 -0.58 -1.53
C VAL B 93 -11.03 -0.86 -2.79
N TYR B 94 -11.72 0.17 -3.27
CA TYR B 94 -12.56 0.15 -4.48
C TYR B 94 -11.82 0.87 -5.60
N TYR B 95 -11.58 0.21 -6.71
CA TYR B 95 -10.92 0.78 -7.88
C TYR B 95 -11.88 0.92 -9.05
N CYS B 96 -11.80 2.05 -9.77
CA CYS B 96 -12.48 2.17 -11.04
C CYS B 96 -11.38 1.83 -12.06
N THR B 97 -11.75 1.22 -13.19
CA THR B 97 -10.80 0.80 -14.21
C THR B 97 -11.45 0.82 -15.56
N ARG B 98 -10.68 1.24 -16.58
CA ARG B 98 -11.20 1.36 -17.93
C ARG B 98 -11.24 0.05 -18.70
N GLY B 99 -12.41 -0.23 -19.29
CA GLY B 99 -12.68 -1.35 -20.19
C GLY B 99 -12.59 -0.81 -21.61
N TYR B 100 -11.42 -0.97 -22.22
CA TYR B 100 -11.10 -0.41 -23.53
C TYR B 100 -11.38 -1.32 -24.72
N ASP B 101 -10.97 -2.57 -24.60
CA ASP B 101 -11.09 -3.52 -25.70
C ASP B 101 -11.15 -4.90 -25.09
N TYR B 102 -11.99 -5.76 -25.64
CA TYR B 102 -12.16 -7.13 -25.17
C TYR B 102 -10.85 -7.96 -25.20
N ASP B 103 -9.98 -7.73 -26.22
CA ASP B 103 -8.70 -8.44 -26.35
C ASP B 103 -7.60 -7.93 -25.45
N TYR B 104 -7.84 -6.82 -24.72
CA TYR B 104 -6.82 -6.20 -23.88
C TYR B 104 -7.24 -6.08 -22.43
N ALA B 105 -6.27 -6.18 -21.54
CA ALA B 105 -6.46 -6.06 -20.09
C ALA B 105 -7.01 -4.66 -19.76
N LEU B 106 -7.68 -4.53 -18.61
CA LEU B 106 -8.17 -3.28 -18.04
C LEU B 106 -6.89 -2.44 -17.94
N ASP B 107 -6.77 -1.45 -18.85
CA ASP B 107 -5.51 -0.74 -19.10
C ASP B 107 -5.20 0.43 -18.19
N TYR B 108 -6.20 1.09 -17.59
CA TYR B 108 -5.95 2.20 -16.67
C TYR B 108 -6.82 2.02 -15.45
N TRP B 109 -6.25 2.25 -14.26
CA TRP B 109 -6.94 2.07 -13.00
C TRP B 109 -6.85 3.34 -12.16
N GLY B 110 -7.90 3.61 -11.37
CA GLY B 110 -7.92 4.73 -10.43
C GLY B 110 -6.97 4.41 -9.30
N GLN B 111 -6.70 5.37 -8.40
CA GLN B 111 -5.74 5.11 -7.31
C GLN B 111 -6.36 4.29 -6.19
N GLY B 112 -7.67 4.08 -6.24
CA GLY B 112 -8.38 3.33 -5.20
C GLY B 112 -8.96 4.23 -4.15
N THR B 113 -10.04 3.76 -3.53
CA THR B 113 -10.74 4.44 -2.47
C THR B 113 -10.99 3.41 -1.39
N LEU B 114 -10.36 3.61 -0.22
CA LEU B 114 -10.59 2.72 0.89
C LEU B 114 -11.89 3.12 1.57
N VAL B 115 -12.85 2.20 1.67
CA VAL B 115 -14.09 2.44 2.38
C VAL B 115 -14.01 1.53 3.59
N THR B 116 -14.17 2.10 4.79
CA THR B 116 -14.21 1.37 6.05
C THR B 116 -15.64 1.38 6.57
N VAL B 117 -16.11 0.20 6.97
CA VAL B 117 -17.43 0.06 7.54
C VAL B 117 -17.26 -0.16 9.00
N SER B 118 -17.60 0.86 9.81
CA SER B 118 -17.42 0.81 11.27
C SER B 118 -18.40 1.72 11.95
N SER B 119 -18.78 1.37 13.19
CA SER B 119 -19.67 2.15 14.06
C SER B 119 -18.81 3.11 14.89
N ALA B 120 -17.49 2.89 14.88
CA ALA B 120 -16.58 3.72 15.66
C ALA B 120 -16.42 5.08 14.99
N SER B 121 -16.24 6.07 15.86
CA SER B 121 -16.10 7.48 15.56
C SER B 121 -14.78 7.74 14.85
N THR B 122 -14.83 8.62 13.84
CA THR B 122 -13.67 9.06 13.11
C THR B 122 -12.79 9.90 14.04
N LYS B 123 -11.46 9.76 13.94
CA LYS B 123 -10.53 10.55 14.72
C LYS B 123 -9.33 10.95 13.84
N GLY B 124 -9.06 12.25 13.81
CA GLY B 124 -7.94 12.81 13.07
C GLY B 124 -6.64 12.57 13.82
N PRO B 125 -5.49 12.38 13.13
CA PRO B 125 -4.24 12.09 13.86
C PRO B 125 -3.54 13.29 14.48
N SER B 126 -2.66 13.00 15.44
CA SER B 126 -1.73 13.96 15.99
C SER B 126 -0.40 13.68 15.24
N VAL B 127 0.28 14.73 14.75
CA VAL B 127 1.52 14.58 13.98
C VAL B 127 2.69 15.11 14.77
N PHE B 128 3.69 14.26 15.00
CA PHE B 128 4.85 14.68 15.79
C PHE B 128 6.10 14.51 15.01
N PRO B 129 7.11 15.37 15.18
CA PRO B 129 8.37 15.15 14.44
C PRO B 129 9.24 14.04 15.06
N LEU B 130 10.02 13.37 14.19
CA LEU B 130 11.06 12.40 14.53
C LEU B 130 12.30 13.19 14.09
N ALA B 131 12.80 14.01 15.01
CA ALA B 131 13.90 14.92 14.69
C ALA B 131 15.23 14.25 14.41
N PRO B 132 15.99 14.71 13.37
CA PRO B 132 17.32 14.15 13.18
C PRO B 132 18.23 14.67 14.31
N SER B 133 19.09 13.81 14.86
CA SER B 133 20.06 14.25 15.88
C SER B 133 21.23 13.34 15.82
N SER B 134 22.16 13.47 16.76
CA SER B 134 23.35 12.62 16.83
C SER B 134 22.94 11.13 17.02
N LYS B 135 21.69 10.86 17.46
CA LYS B 135 21.11 9.50 17.74
C LYS B 135 20.45 8.88 16.51
N SER B 136 20.34 9.69 15.43
CA SER B 136 19.77 9.22 14.19
C SER B 136 20.68 9.51 12.98
N THR B 137 22.02 9.23 13.14
CA THR B 137 23.04 9.33 12.07
C THR B 137 23.70 7.97 11.79
N SER B 138 24.12 7.74 10.54
CA SER B 138 24.77 6.49 10.11
C SER B 138 25.63 6.79 8.89
N GLY B 139 26.96 6.69 9.06
CA GLY B 139 27.94 6.92 8.00
C GLY B 139 27.68 8.09 7.05
N GLY B 140 27.43 9.27 7.63
CA GLY B 140 27.17 10.50 6.87
C GLY B 140 25.72 10.71 6.49
N THR B 141 24.83 9.79 6.84
CA THR B 141 23.42 9.96 6.53
C THR B 141 22.67 10.26 7.82
N ALA B 142 21.61 11.05 7.75
CA ALA B 142 20.74 11.29 8.92
C ALA B 142 19.33 10.78 8.60
N ALA B 143 18.68 10.14 9.56
CA ALA B 143 17.30 9.71 9.41
C ALA B 143 16.48 10.74 10.17
N LEU B 144 15.26 11.00 9.67
CA LEU B 144 14.27 11.89 10.28
C LEU B 144 12.90 11.43 9.84
N GLY B 145 11.86 11.93 10.49
CA GLY B 145 10.52 11.56 10.08
C GLY B 145 9.40 12.24 10.81
N CYS B 146 8.21 11.66 10.68
CA CYS B 146 7.00 12.09 11.37
C CYS B 146 6.31 10.88 11.91
N LEU B 147 5.82 11.01 13.14
CA LEU B 147 5.04 10.01 13.84
C LEU B 147 3.57 10.51 13.73
N VAL B 148 2.71 9.72 13.07
CA VAL B 148 1.30 10.05 12.82
C VAL B 148 0.49 9.14 13.76
N LYS B 149 0.08 9.70 14.89
CA LYS B 149 -0.52 8.92 15.96
C LYS B 149 -2.02 9.14 16.22
N ASP B 150 -2.70 8.05 16.60
CA ASP B 150 -4.07 7.98 17.12
C ASP B 150 -5.14 8.41 16.15
N TYR B 151 -5.21 7.74 15.02
CA TYR B 151 -6.24 8.09 14.06
C TYR B 151 -7.15 6.93 13.80
N PHE B 152 -8.31 7.22 13.18
CA PHE B 152 -9.29 6.19 12.82
C PHE B 152 -10.26 6.74 11.78
N PRO B 153 -10.62 5.96 10.74
CA PRO B 153 -10.04 4.67 10.35
C PRO B 153 -8.79 4.90 9.49
N GLU B 154 -8.32 3.88 8.81
CA GLU B 154 -7.24 4.07 7.84
C GLU B 154 -7.92 4.73 6.59
N PRO B 155 -7.17 5.36 5.66
CA PRO B 155 -5.72 5.51 5.63
C PRO B 155 -5.28 6.91 5.98
N VAL B 156 -4.02 6.99 6.29
CA VAL B 156 -3.31 8.24 6.39
C VAL B 156 -2.35 8.19 5.19
N THR B 157 -2.19 9.30 4.49
CA THR B 157 -1.15 9.36 3.49
C THR B 157 -0.10 10.35 3.99
N VAL B 158 1.15 10.07 3.62
CA VAL B 158 2.26 10.97 3.95
C VAL B 158 3.06 11.23 2.71
N SER B 159 3.32 12.50 2.42
CA SER B 159 4.30 12.82 1.40
C SER B 159 5.36 13.68 2.07
N TRP B 160 6.49 13.87 1.39
CA TRP B 160 7.54 14.74 1.91
C TRP B 160 7.76 15.87 0.93
N ASN B 161 7.78 17.11 1.43
CA ASN B 161 7.98 18.33 0.63
C ASN B 161 7.03 18.40 -0.56
N SER B 162 5.74 18.10 -0.33
CA SER B 162 4.66 18.10 -1.33
C SER B 162 4.92 17.13 -2.50
N GLY B 163 5.62 16.03 -2.21
CA GLY B 163 5.92 15.00 -3.18
C GLY B 163 7.24 15.14 -3.92
N ALA B 164 8.01 16.25 -3.69
CA ALA B 164 9.31 16.48 -4.33
C ALA B 164 10.42 15.59 -3.71
N LEU B 165 10.19 15.07 -2.50
CA LEU B 165 11.14 14.20 -1.83
C LEU B 165 10.49 12.81 -1.74
N THR B 166 11.04 11.83 -2.48
CA THR B 166 10.52 10.47 -2.52
C THR B 166 11.60 9.46 -2.24
N SER B 167 12.86 9.75 -2.65
N SER B 167 12.84 9.74 -2.67
CA SER B 167 14.03 8.90 -2.44
CA SER B 167 13.99 8.85 -2.47
C SER B 167 14.31 8.69 -0.95
C SER B 167 14.29 8.68 -0.97
N GLY B 168 14.55 7.43 -0.57
CA GLY B 168 14.85 7.06 0.81
C GLY B 168 13.67 7.18 1.77
N VAL B 169 12.44 7.37 1.26
CA VAL B 169 11.28 7.48 2.16
C VAL B 169 10.74 6.09 2.45
N HIS B 170 10.42 5.83 3.73
CA HIS B 170 9.68 4.65 4.14
C HIS B 170 8.51 5.09 4.98
N THR B 171 7.29 4.94 4.46
CA THR B 171 6.07 5.20 5.20
C THR B 171 5.63 3.80 5.63
N PHE B 172 5.66 3.53 6.92
CA PHE B 172 5.35 2.22 7.42
C PHE B 172 3.87 1.86 7.42
N PRO B 173 3.51 0.55 7.23
CA PRO B 173 2.13 0.11 7.46
C PRO B 173 1.74 0.53 8.89
N ALA B 174 0.47 0.90 9.07
CA ALA B 174 -0.05 1.30 10.38
C ALA B 174 -0.05 0.14 11.34
N VAL B 175 0.06 0.41 12.63
CA VAL B 175 -0.10 -0.57 13.68
C VAL B 175 -1.45 -0.27 14.34
N LEU B 176 -2.13 -1.31 14.83
CA LEU B 176 -3.39 -1.11 15.52
C LEU B 176 -3.05 -1.02 17.01
N GLN B 177 -3.33 0.13 17.66
CA GLN B 177 -3.09 0.30 19.11
C GLN B 177 -4.23 -0.31 19.89
N SER B 178 -3.98 -0.62 21.20
CA SER B 178 -4.96 -1.22 22.12
C SER B 178 -6.27 -0.44 22.18
N SER B 179 -6.20 0.89 21.99
CA SER B 179 -7.32 1.82 21.99
C SER B 179 -8.22 1.65 20.76
N GLY B 180 -7.75 0.89 19.76
CA GLY B 180 -8.49 0.70 18.51
C GLY B 180 -8.10 1.76 17.50
N LEU B 181 -7.22 2.69 17.91
CA LEU B 181 -6.73 3.74 17.02
C LEU B 181 -5.44 3.29 16.34
N TYR B 182 -5.16 3.86 15.16
CA TYR B 182 -3.96 3.52 14.39
C TYR B 182 -2.88 4.50 14.62
N SER B 183 -1.65 4.06 14.35
N SER B 183 -1.65 4.06 14.35
CA SER B 183 -0.45 4.87 14.41
CA SER B 183 -0.43 4.84 14.43
C SER B 183 0.46 4.39 13.29
C SER B 183 0.51 4.37 13.34
N LEU B 184 1.24 5.31 12.73
CA LEU B 184 2.24 4.99 11.72
C LEU B 184 3.37 5.99 11.81
N SER B 185 4.50 5.64 11.22
N SER B 185 4.50 5.64 11.20
CA SER B 185 5.64 6.54 11.09
CA SER B 185 5.66 6.50 11.06
C SER B 185 6.03 6.58 9.60
C SER B 185 6.07 6.56 9.59
N SER B 186 6.61 7.70 9.18
CA SER B 186 7.12 7.92 7.84
C SER B 186 8.50 8.50 8.09
N VAL B 187 9.53 7.89 7.53
CA VAL B 187 10.92 8.29 7.74
C VAL B 187 11.59 8.53 6.40
N VAL B 188 12.72 9.25 6.40
CA VAL B 188 13.54 9.51 5.23
C VAL B 188 14.99 9.62 5.69
N THR B 189 15.92 9.14 4.88
CA THR B 189 17.36 9.26 5.13
C THR B 189 17.84 10.28 4.14
N VAL B 190 18.67 11.21 4.63
CA VAL B 190 19.14 12.34 3.84
C VAL B 190 20.62 12.57 4.21
N PRO B 191 21.38 13.42 3.50
CA PRO B 191 22.75 13.70 3.95
C PRO B 191 22.70 14.38 5.32
N SER B 192 23.60 14.00 6.19
CA SER B 192 23.65 14.68 7.47
C SER B 192 24.33 16.06 7.34
N SER B 193 25.10 16.24 6.25
CA SER B 193 25.82 17.48 6.00
C SER B 193 24.91 18.69 5.70
N SER B 194 23.72 18.47 5.18
CA SER B 194 22.88 19.59 4.76
C SER B 194 21.62 19.80 5.65
N LEU B 195 21.64 19.29 6.90
CA LEU B 195 20.53 19.46 7.83
C LEU B 195 20.23 20.94 8.15
N GLY B 196 21.21 21.81 8.03
CA GLY B 196 20.97 23.23 8.31
C GLY B 196 20.52 24.05 7.11
N THR B 197 20.54 23.48 5.91
CA THR B 197 20.16 24.21 4.68
C THR B 197 18.90 23.69 4.02
N GLN B 198 18.56 22.41 4.22
CA GLN B 198 17.39 21.83 3.57
C GLN B 198 16.22 21.86 4.50
N THR B 199 15.02 21.93 3.91
CA THR B 199 13.76 21.94 4.63
C THR B 199 13.02 20.66 4.34
N TYR B 200 12.65 19.92 5.41
CA TYR B 200 11.93 18.65 5.34
C TYR B 200 10.61 18.79 6.02
N ILE B 201 9.53 18.71 5.21
CA ILE B 201 8.17 18.85 5.73
C ILE B 201 7.39 17.60 5.38
N CYS B 202 6.78 16.94 6.38
CA CYS B 202 5.93 15.82 6.05
C CYS B 202 4.49 16.36 5.87
N ASN B 203 3.84 15.98 4.77
CA ASN B 203 2.46 16.39 4.48
C ASN B 203 1.58 15.21 4.80
N VAL B 204 0.78 15.32 5.86
CA VAL B 204 -0.07 14.27 6.39
C VAL B 204 -1.51 14.53 6.02
N ASN B 205 -2.16 13.53 5.43
CA ASN B 205 -3.55 13.65 5.03
C ASN B 205 -4.34 12.49 5.58
N HIS B 206 -5.46 12.79 6.24
CA HIS B 206 -6.37 11.78 6.73
C HIS B 206 -7.76 12.21 6.24
N LYS B 207 -8.13 11.81 5.00
CA LYS B 207 -9.40 12.15 4.36
C LYS B 207 -10.64 11.89 5.23
N PRO B 208 -10.79 10.74 5.96
CA PRO B 208 -12.02 10.54 6.75
C PRO B 208 -12.34 11.61 7.79
N SER B 209 -11.31 12.27 8.36
CA SER B 209 -11.53 13.31 9.36
C SER B 209 -11.25 14.71 8.78
N ASN B 210 -10.97 14.77 7.48
CA ASN B 210 -10.62 15.98 6.72
C ASN B 210 -9.41 16.70 7.32
N THR B 211 -8.46 15.92 7.87
CA THR B 211 -7.24 16.42 8.49
C THR B 211 -6.11 16.48 7.48
N LYS B 212 -5.45 17.65 7.43
CA LYS B 212 -4.31 17.94 6.58
C LYS B 212 -3.33 18.66 7.52
N VAL B 213 -2.15 18.08 7.70
CA VAL B 213 -1.14 18.63 8.61
C VAL B 213 0.19 18.69 7.89
N ASP B 214 0.85 19.83 7.92
CA ASP B 214 2.20 19.94 7.38
C ASP B 214 3.11 20.13 8.57
N LYS B 215 4.11 19.29 8.72
CA LYS B 215 5.00 19.39 9.86
C LYS B 215 6.44 19.50 9.40
N LYS B 216 7.10 20.64 9.71
CA LYS B 216 8.51 20.85 9.41
C LYS B 216 9.32 20.08 10.46
N VAL B 217 10.25 19.26 10.00
CA VAL B 217 11.06 18.44 10.88
C VAL B 217 12.45 19.03 10.93
N GLU B 218 12.75 19.68 12.04
CA GLU B 218 14.03 20.36 12.26
C GLU B 218 14.98 19.54 13.15
N PRO B 219 16.32 19.71 13.01
CA PRO B 219 17.25 19.03 13.94
C PRO B 219 17.01 19.51 15.37
N LYS B 220 17.16 18.62 16.34
CA LYS B 220 16.91 18.95 17.75
C LYS B 220 18.02 19.85 18.32
N SER B 221 17.62 21.01 18.92
CA SER B 221 18.56 21.99 19.49
C SER B 221 18.73 21.80 21.00
N ASP C 1 -19.85 -19.76 -11.68
CA ASP C 1 -18.85 -18.78 -12.12
C ASP C 1 -17.55 -19.49 -12.42
N ILE C 2 -16.72 -18.93 -13.32
CA ILE C 2 -15.41 -19.52 -13.63
C ILE C 2 -14.43 -19.16 -12.52
N GLN C 3 -13.96 -20.16 -11.76
CA GLN C 3 -12.99 -19.93 -10.68
C GLN C 3 -11.57 -19.97 -11.26
N MET C 4 -10.75 -18.95 -10.94
CA MET C 4 -9.35 -18.79 -11.38
C MET C 4 -8.46 -19.11 -10.19
N THR C 5 -7.64 -20.14 -10.33
CA THR C 5 -6.75 -20.58 -9.26
C THR C 5 -5.33 -20.49 -9.71
N GLN C 6 -4.57 -19.73 -8.95
CA GLN C 6 -3.16 -19.54 -9.22
C GLN C 6 -2.35 -20.42 -8.30
N SER C 7 -1.20 -20.85 -8.80
CA SER C 7 -0.23 -21.58 -8.01
C SER C 7 1.18 -21.17 -8.40
N PRO C 8 2.06 -20.94 -7.39
CA PRO C 8 1.77 -20.98 -5.94
C PRO C 8 1.09 -19.67 -5.51
N SER C 9 0.69 -19.56 -4.25
CA SER C 9 0.09 -18.32 -3.74
C SER C 9 1.16 -17.28 -3.45
N SER C 10 2.40 -17.76 -3.23
CA SER C 10 3.56 -16.93 -3.03
C SER C 10 4.80 -17.69 -3.36
N LEU C 11 5.81 -17.01 -3.85
CA LEU C 11 7.09 -17.62 -4.15
C LEU C 11 8.18 -16.63 -3.87
N SER C 12 9.38 -17.14 -3.62
CA SER C 12 10.52 -16.26 -3.46
C SER C 12 11.63 -16.79 -4.41
N ALA C 13 12.42 -15.88 -4.98
CA ALA C 13 13.51 -16.25 -5.89
C ALA C 13 14.55 -15.13 -5.88
N SER C 14 15.73 -15.41 -6.40
CA SER C 14 16.81 -14.44 -6.46
C SER C 14 16.69 -13.62 -7.73
N VAL C 15 17.36 -12.48 -7.78
CA VAL C 15 17.47 -11.64 -8.98
C VAL C 15 18.18 -12.51 -10.05
N GLY C 16 17.64 -12.57 -11.26
CA GLY C 16 18.18 -13.38 -12.34
C GLY C 16 17.57 -14.76 -12.43
N ASP C 17 16.77 -15.18 -11.44
CA ASP C 17 16.13 -16.50 -11.52
C ASP C 17 14.95 -16.45 -12.47
N ARG C 18 14.58 -17.62 -12.99
CA ARG C 18 13.42 -17.80 -13.87
C ARG C 18 12.29 -18.31 -12.99
N VAL C 19 11.20 -17.53 -12.99
CA VAL C 19 10.02 -17.73 -12.17
C VAL C 19 8.80 -18.04 -13.03
N THR C 20 7.94 -18.93 -12.54
N THR C 20 7.94 -18.95 -12.56
CA THR C 20 6.71 -19.32 -13.21
CA THR C 20 6.69 -19.29 -13.24
C THR C 20 5.52 -19.22 -12.26
C THR C 20 5.51 -19.24 -12.28
N ILE C 21 4.35 -18.76 -12.78
CA ILE C 21 3.11 -18.65 -12.02
C ILE C 21 2.05 -19.28 -12.90
N THR C 22 1.36 -20.30 -12.40
CA THR C 22 0.31 -20.88 -13.22
C THR C 22 -1.07 -20.32 -12.83
N CYS C 23 -1.98 -20.30 -13.81
CA CYS C 23 -3.35 -19.91 -13.62
C CYS C 23 -4.20 -20.99 -14.25
N ARG C 24 -5.07 -21.59 -13.44
CA ARG C 24 -5.99 -22.63 -13.89
C ARG C 24 -7.40 -22.07 -13.82
N ALA C 25 -8.18 -22.22 -14.89
CA ALA C 25 -9.58 -21.79 -14.92
C ALA C 25 -10.44 -23.06 -14.67
N SER C 26 -11.51 -22.97 -13.88
CA SER C 26 -12.36 -24.14 -13.56
C SER C 26 -13.12 -24.64 -14.79
N SER C 27 -13.18 -23.81 -15.84
CA SER C 27 -13.81 -24.11 -17.12
C SER C 27 -13.04 -23.35 -18.21
N SER C 28 -12.99 -23.88 -19.44
CA SER C 28 -12.26 -23.30 -20.57
C SER C 28 -12.57 -21.82 -20.80
N VAL C 29 -11.52 -21.04 -21.09
CA VAL C 29 -11.64 -19.59 -21.38
C VAL C 29 -10.90 -19.30 -22.68
N GLU C 30 -11.34 -18.27 -23.42
CA GLU C 30 -10.68 -17.93 -24.69
C GLU C 30 -9.23 -17.54 -24.47
N PHE C 31 -8.99 -16.81 -23.38
CA PHE C 31 -7.69 -16.31 -22.96
C PHE C 31 -7.83 -15.77 -21.56
N ILE C 32 -6.71 -15.32 -20.96
CA ILE C 32 -6.66 -14.66 -19.65
C ILE C 32 -5.86 -13.36 -19.76
N HIS C 33 -6.02 -12.45 -18.81
CA HIS C 33 -5.19 -11.24 -18.74
C HIS C 33 -4.41 -11.37 -17.45
N TRP C 34 -3.19 -10.79 -17.39
CA TRP C 34 -2.40 -10.75 -16.18
C TRP C 34 -2.24 -9.30 -15.76
N TYR C 35 -2.26 -9.08 -14.45
CA TYR C 35 -2.06 -7.76 -13.84
C TYR C 35 -0.92 -7.90 -12.83
N GLN C 36 -0.27 -6.79 -12.55
CA GLN C 36 0.80 -6.75 -11.59
C GLN C 36 0.41 -5.63 -10.64
N GLN C 37 0.45 -5.91 -9.34
CA GLN C 37 0.12 -4.92 -8.35
C GLN C 37 1.26 -4.75 -7.36
N LYS C 38 1.78 -3.54 -7.30
CA LYS C 38 2.81 -3.19 -6.34
C LYS C 38 2.13 -2.78 -5.04
N PRO C 39 2.76 -2.92 -3.84
CA PRO C 39 2.04 -2.60 -2.59
C PRO C 39 1.61 -1.14 -2.47
N GLY C 40 0.38 -0.95 -2.00
CA GLY C 40 -0.22 0.37 -1.86
C GLY C 40 -0.60 1.02 -3.19
N LYS C 41 -0.48 0.27 -4.30
CA LYS C 41 -0.83 0.81 -5.62
C LYS C 41 -1.94 0.02 -6.29
N ALA C 42 -2.54 0.60 -7.31
CA ALA C 42 -3.55 -0.06 -8.11
C ALA C 42 -2.90 -1.12 -8.97
N PRO C 43 -3.63 -2.18 -9.36
CA PRO C 43 -3.07 -3.13 -10.32
C PRO C 43 -2.77 -2.43 -11.66
N LYS C 44 -1.81 -2.96 -12.41
CA LYS C 44 -1.44 -2.45 -13.72
C LYS C 44 -1.56 -3.60 -14.71
N PRO C 45 -2.00 -3.33 -15.96
CA PRO C 45 -1.99 -4.39 -16.97
C PRO C 45 -0.58 -4.94 -17.21
N LEU C 46 -0.43 -6.27 -17.30
CA LEU C 46 0.87 -6.88 -17.54
C LEU C 46 0.89 -7.63 -18.87
N ILE C 47 -0.13 -8.48 -19.10
CA ILE C 47 -0.27 -9.32 -20.31
C ILE C 47 -1.75 -9.26 -20.71
N SER C 48 -2.01 -9.08 -22.01
CA SER C 48 -3.34 -9.04 -22.61
C SER C 48 -3.46 -10.29 -23.47
N ALA C 49 -4.60 -10.98 -23.35
CA ALA C 49 -4.95 -12.16 -24.15
C ALA C 49 -3.86 -13.22 -24.17
N THR C 50 -3.54 -13.71 -22.97
CA THR C 50 -2.64 -14.82 -22.66
C THR C 50 -1.15 -14.56 -22.90
N SER C 51 -0.77 -13.94 -24.05
CA SER C 51 0.64 -13.82 -24.46
C SER C 51 1.13 -12.46 -24.97
N ASN C 52 0.28 -11.42 -24.99
CA ASN C 52 0.68 -10.09 -25.50
C ASN C 52 1.04 -9.15 -24.39
N LEU C 53 2.32 -8.81 -24.29
CA LEU C 53 2.83 -7.86 -23.29
C LEU C 53 2.09 -6.55 -23.37
N ALA C 54 1.62 -6.04 -22.22
CA ALA C 54 0.97 -4.74 -22.14
C ALA C 54 2.03 -3.67 -22.44
N SER C 55 1.58 -2.43 -22.71
CA SER C 55 2.43 -1.29 -23.01
C SER C 55 3.45 -1.00 -21.90
N GLY C 56 4.72 -0.93 -22.29
CA GLY C 56 5.84 -0.67 -21.40
C GLY C 56 6.34 -1.86 -20.61
N VAL C 57 5.78 -3.06 -20.83
CA VAL C 57 6.19 -4.26 -20.10
C VAL C 57 7.48 -4.82 -20.70
N PRO C 58 8.55 -5.00 -19.88
CA PRO C 58 9.82 -5.55 -20.43
C PRO C 58 9.69 -7.00 -20.95
N SER C 59 10.57 -7.36 -21.88
CA SER C 59 10.62 -8.64 -22.58
C SER C 59 10.84 -9.88 -21.70
N ARG C 60 11.30 -9.69 -20.45
CA ARG C 60 11.52 -10.79 -19.51
C ARG C 60 10.18 -11.41 -19.05
N PHE C 61 9.06 -10.73 -19.31
CA PHE C 61 7.73 -11.27 -19.00
C PHE C 61 7.23 -11.98 -20.24
N SER C 62 6.61 -13.16 -20.06
CA SER C 62 5.94 -13.86 -21.13
C SER C 62 4.74 -14.61 -20.56
N GLY C 63 3.75 -14.81 -21.43
CA GLY C 63 2.55 -15.55 -21.09
C GLY C 63 2.26 -16.62 -22.13
N SER C 64 1.82 -17.78 -21.68
CA SER C 64 1.46 -18.91 -22.52
C SER C 64 0.23 -19.59 -21.94
N GLY C 65 -0.28 -20.59 -22.66
CA GLY C 65 -1.44 -21.36 -22.25
C GLY C 65 -2.64 -21.30 -23.17
N SER C 66 -3.68 -22.10 -22.84
CA SER C 66 -4.96 -22.23 -23.54
C SER C 66 -5.94 -23.00 -22.65
N GLY C 67 -7.23 -22.97 -23.02
CA GLY C 67 -8.32 -23.66 -22.34
C GLY C 67 -8.43 -23.37 -20.86
N THR C 68 -7.93 -24.28 -20.03
CA THR C 68 -7.97 -24.12 -18.57
C THR C 68 -6.58 -23.91 -17.93
N ASP C 69 -5.47 -24.08 -18.67
CA ASP C 69 -4.11 -23.99 -18.11
C ASP C 69 -3.24 -22.88 -18.73
N PHE C 70 -2.79 -21.92 -17.89
CA PHE C 70 -2.01 -20.75 -18.32
C PHE C 70 -0.78 -20.51 -17.45
N THR C 71 0.26 -19.90 -18.02
CA THR C 71 1.49 -19.64 -17.29
C THR C 71 2.04 -18.26 -17.56
N LEU C 72 2.44 -17.57 -16.48
CA LEU C 72 3.19 -16.34 -16.58
C LEU C 72 4.63 -16.75 -16.24
N THR C 73 5.60 -16.34 -17.09
CA THR C 73 7.03 -16.64 -16.87
C THR C 73 7.79 -15.31 -16.74
N ILE C 74 8.68 -15.22 -15.74
CA ILE C 74 9.57 -14.06 -15.57
C ILE C 74 10.94 -14.64 -15.74
N SER C 75 11.56 -14.38 -16.91
CA SER C 75 12.80 -15.07 -17.33
C SER C 75 14.06 -14.71 -16.53
N SER C 76 14.09 -13.51 -15.95
CA SER C 76 15.22 -13.02 -15.19
C SER C 76 14.68 -12.04 -14.17
N LEU C 77 14.20 -12.58 -13.03
CA LEU C 77 13.60 -11.81 -11.96
C LEU C 77 14.44 -10.61 -11.56
N GLN C 78 13.81 -9.44 -11.50
CA GLN C 78 14.47 -8.19 -11.16
C GLN C 78 13.93 -7.66 -9.85
N PRO C 79 14.67 -6.82 -9.08
CA PRO C 79 14.12 -6.34 -7.80
C PRO C 79 12.73 -5.68 -7.91
N GLU C 80 12.52 -4.93 -9.03
CA GLU C 80 11.26 -4.19 -9.28
C GLU C 80 10.08 -5.12 -9.61
N ASP C 81 10.33 -6.42 -9.77
CA ASP C 81 9.25 -7.39 -10.02
C ASP C 81 8.59 -7.85 -8.74
N PHE C 82 9.06 -7.35 -7.57
CA PHE C 82 8.39 -7.62 -6.30
C PHE C 82 6.98 -7.03 -6.44
N ALA C 83 5.97 -7.88 -6.37
CA ALA C 83 4.57 -7.53 -6.58
C ALA C 83 3.72 -8.75 -6.39
N THR C 84 2.42 -8.56 -6.45
CA THR C 84 1.42 -9.62 -6.48
C THR C 84 0.91 -9.64 -7.93
N TYR C 85 0.84 -10.84 -8.52
CA TYR C 85 0.41 -11.03 -9.89
C TYR C 85 -0.97 -11.66 -9.90
N TYR C 86 -1.86 -11.15 -10.77
CA TYR C 86 -3.20 -11.72 -10.86
C TYR C 86 -3.58 -12.09 -12.27
N CYS C 87 -4.20 -13.26 -12.43
CA CYS C 87 -4.77 -13.62 -13.72
C CYS C 87 -6.26 -13.23 -13.67
N GLN C 88 -6.90 -13.13 -14.83
CA GLN C 88 -8.29 -12.72 -14.93
C GLN C 88 -8.90 -13.24 -16.22
N GLN C 89 -10.19 -13.53 -16.18
CA GLN C 89 -10.94 -13.96 -17.35
C GLN C 89 -12.18 -13.10 -17.47
N TRP C 90 -12.59 -12.84 -18.71
CA TRP C 90 -13.86 -12.19 -18.94
C TRP C 90 -14.58 -12.83 -20.13
N SER C 91 -14.33 -14.13 -20.33
CA SER C 91 -15.00 -14.92 -21.40
C SER C 91 -16.38 -15.29 -20.90
N SER C 92 -16.56 -15.31 -19.57
CA SER C 92 -17.82 -15.61 -18.91
C SER C 92 -18.12 -14.58 -17.83
N ALA C 93 -19.42 -14.24 -17.69
CA ALA C 93 -19.88 -13.32 -16.65
C ALA C 93 -20.29 -14.17 -15.42
N PRO C 94 -19.90 -13.81 -14.17
CA PRO C 94 -19.13 -12.62 -13.80
C PRO C 94 -17.66 -12.75 -14.13
N TRP C 95 -17.00 -11.62 -14.39
CA TRP C 95 -15.57 -11.59 -14.62
C TRP C 95 -14.92 -12.00 -13.30
N THR C 96 -13.89 -12.81 -13.38
CA THR C 96 -13.24 -13.30 -12.16
C THR C 96 -11.75 -13.18 -12.23
N PHE C 97 -11.15 -13.07 -11.06
CA PHE C 97 -9.70 -12.97 -10.95
C PHE C 97 -9.17 -14.14 -10.16
N GLY C 98 -7.89 -14.47 -10.37
CA GLY C 98 -7.17 -15.42 -9.54
C GLY C 98 -6.96 -14.80 -8.16
N GLN C 99 -6.50 -15.56 -7.14
CA GLN C 99 -6.33 -15.03 -5.77
C GLN C 99 -5.05 -14.21 -5.60
N GLY C 100 -4.21 -14.20 -6.63
CA GLY C 100 -2.95 -13.48 -6.57
C GLY C 100 -1.80 -14.36 -6.18
N THR C 101 -0.63 -14.00 -6.68
CA THR C 101 0.64 -14.65 -6.36
C THR C 101 1.62 -13.59 -5.96
N LYS C 102 2.09 -13.65 -4.71
CA LYS C 102 3.08 -12.72 -4.20
C LYS C 102 4.47 -13.21 -4.61
N VAL C 103 5.27 -12.35 -5.28
CA VAL C 103 6.62 -12.71 -5.66
C VAL C 103 7.56 -11.88 -4.79
N GLU C 104 8.36 -12.59 -3.99
CA GLU C 104 9.33 -11.98 -3.08
C GLU C 104 10.76 -12.25 -3.56
N ILE C 105 11.68 -11.37 -3.19
CA ILE C 105 13.04 -11.44 -3.68
C ILE C 105 14.02 -11.89 -2.58
N LYS C 106 14.83 -12.90 -2.90
CA LYS C 106 15.91 -13.38 -2.04
C LYS C 106 17.14 -12.62 -2.51
N ARG C 107 17.92 -12.09 -1.58
CA ARG C 107 19.13 -11.34 -1.94
C ARG C 107 20.13 -11.60 -0.84
N THR C 108 21.30 -10.97 -0.91
CA THR C 108 22.33 -11.15 0.13
C THR C 108 21.92 -10.50 1.44
N VAL C 109 22.51 -10.96 2.53
CA VAL C 109 22.30 -10.42 3.87
C VAL C 109 22.79 -8.94 3.85
N ALA C 110 22.03 -8.04 4.50
CA ALA C 110 22.33 -6.62 4.66
C ALA C 110 21.96 -6.28 6.11
N ALA C 111 22.91 -5.74 6.87
CA ALA C 111 22.68 -5.38 8.26
C ALA C 111 21.82 -4.12 8.32
N PRO C 112 20.94 -3.98 9.33
CA PRO C 112 20.18 -2.74 9.43
C PRO C 112 21.06 -1.59 9.93
N SER C 113 20.72 -0.37 9.52
CA SER C 113 21.28 0.87 9.99
C SER C 113 20.23 1.23 11.05
N VAL C 114 20.68 1.43 12.31
CA VAL C 114 19.77 1.65 13.43
C VAL C 114 19.77 3.12 13.89
N PHE C 115 18.58 3.70 14.07
CA PHE C 115 18.41 5.09 14.51
C PHE C 115 17.40 5.15 15.66
N ILE C 116 17.59 6.09 16.58
CA ILE C 116 16.65 6.21 17.70
C ILE C 116 16.16 7.66 17.77
N PHE C 117 14.87 7.80 18.11
CA PHE C 117 14.22 9.10 18.19
C PHE C 117 13.57 9.24 19.54
N PRO C 118 13.96 10.23 20.34
CA PRO C 118 13.26 10.48 21.62
C PRO C 118 11.86 11.09 21.35
N PRO C 119 10.93 11.12 22.33
CA PRO C 119 9.65 11.79 22.04
C PRO C 119 9.88 13.28 21.81
N SER C 120 9.02 13.91 20.99
CA SER C 120 9.07 15.35 20.75
C SER C 120 8.56 16.05 22.03
N ASP C 121 8.89 17.32 22.19
CA ASP C 121 8.42 18.11 23.33
C ASP C 121 6.91 18.33 23.26
N GLU C 122 6.40 18.53 22.02
CA GLU C 122 4.97 18.68 21.73
C GLU C 122 4.18 17.48 22.24
N GLN C 123 4.68 16.24 21.98
CA GLN C 123 4.00 15.02 22.43
C GLN C 123 4.03 14.95 23.94
N LEU C 124 5.17 15.23 24.55
CA LEU C 124 5.31 15.23 26.01
C LEU C 124 4.29 16.16 26.70
N LYS C 125 4.03 17.35 26.11
CA LYS C 125 3.03 18.34 26.58
C LYS C 125 1.63 17.74 26.67
N SER C 126 1.36 16.75 25.79
CA SER C 126 0.07 16.08 25.70
C SER C 126 -0.07 14.92 26.69
N GLY C 127 1.00 14.58 27.39
CA GLY C 127 0.99 13.52 28.40
C GLY C 127 1.44 12.11 28.01
N THR C 128 2.07 11.97 26.84
CA THR C 128 2.57 10.69 26.34
C THR C 128 4.01 10.84 25.79
N ALA C 129 4.78 9.74 25.84
CA ALA C 129 6.12 9.65 25.26
C ALA C 129 6.23 8.44 24.35
N SER C 130 6.37 8.69 23.04
CA SER C 130 6.64 7.61 22.08
C SER C 130 8.12 7.71 21.67
N VAL C 131 8.87 6.63 21.91
CA VAL C 131 10.29 6.51 21.56
C VAL C 131 10.30 5.59 20.33
N VAL C 132 10.89 6.09 19.24
CA VAL C 132 10.93 5.33 18.00
C VAL C 132 12.29 4.81 17.66
N CYS C 133 12.34 3.51 17.35
CA CYS C 133 13.53 2.86 16.88
C CYS C 133 13.35 2.45 15.43
N LEU C 134 14.27 2.89 14.58
CA LEU C 134 14.21 2.60 13.15
C LEU C 134 15.37 1.67 12.74
N LEU C 135 15.04 0.58 12.01
CA LEU C 135 15.98 -0.39 11.43
C LEU C 135 15.84 -0.18 9.95
N ASN C 136 16.87 0.35 9.33
CA ASN C 136 16.78 0.68 7.93
C ASN C 136 17.51 -0.25 7.01
N ASN C 137 16.84 -0.64 5.91
CA ASN C 137 17.39 -1.37 4.77
C ASN C 137 18.19 -2.62 5.10
N PHE C 138 17.52 -3.63 5.61
CA PHE C 138 18.17 -4.87 5.98
C PHE C 138 17.54 -6.05 5.28
N TYR C 139 18.27 -7.16 5.27
CA TYR C 139 17.82 -8.41 4.70
C TYR C 139 18.59 -9.51 5.40
N PRO C 140 17.95 -10.62 5.83
CA PRO C 140 16.51 -10.95 5.66
C PRO C 140 15.61 -10.16 6.63
N ARG C 141 14.31 -10.44 6.54
CA ARG C 141 13.22 -9.82 7.30
C ARG C 141 13.35 -9.97 8.82
N GLU C 142 13.82 -11.14 9.27
CA GLU C 142 13.96 -11.53 10.67
C GLU C 142 14.95 -10.62 11.37
N ALA C 143 14.45 -9.89 12.35
CA ALA C 143 15.23 -8.94 13.13
C ALA C 143 14.58 -8.91 14.50
N LYS C 144 15.39 -8.77 15.53
CA LYS C 144 14.87 -8.73 16.89
C LYS C 144 15.20 -7.36 17.45
N VAL C 145 14.18 -6.69 17.97
CA VAL C 145 14.30 -5.38 18.62
C VAL C 145 13.93 -5.59 20.06
N GLN C 146 14.79 -5.14 20.99
CA GLN C 146 14.50 -5.18 22.41
C GLN C 146 14.63 -3.79 22.99
N TRP C 147 13.60 -3.35 23.69
CA TRP C 147 13.61 -2.07 24.38
C TRP C 147 14.16 -2.23 25.77
N LYS C 148 15.10 -1.36 26.15
CA LYS C 148 15.69 -1.39 27.49
C LYS C 148 15.60 0.00 28.09
N VAL C 149 15.02 0.06 29.28
CA VAL C 149 14.82 1.30 30.02
C VAL C 149 15.62 1.17 31.32
N ASP C 150 16.69 1.98 31.43
CA ASP C 150 17.67 1.93 32.52
C ASP C 150 18.25 0.50 32.64
N ASN C 151 18.50 -0.14 31.47
CA ASN C 151 19.01 -1.50 31.26
C ASN C 151 18.00 -2.63 31.63
N ALA C 152 16.74 -2.29 31.98
CA ALA C 152 15.72 -3.28 32.29
C ALA C 152 14.95 -3.63 30.99
N LEU C 153 14.87 -4.93 30.63
CA LEU C 153 14.19 -5.35 29.41
C LEU C 153 12.69 -5.07 29.51
N GLN C 154 12.16 -4.39 28.49
CA GLN C 154 10.76 -4.02 28.41
C GLN C 154 9.92 -5.06 27.70
N SER C 155 8.65 -5.19 28.14
CA SER C 155 7.66 -6.05 27.49
C SER C 155 6.28 -5.45 27.60
N GLY C 156 5.53 -5.53 26.51
CA GLY C 156 4.14 -5.10 26.45
C GLY C 156 3.84 -3.63 26.24
N ASN C 157 4.86 -2.83 25.93
CA ASN C 157 4.69 -1.39 25.73
C ASN C 157 5.25 -0.92 24.39
N SER C 158 5.43 -1.86 23.44
CA SER C 158 5.93 -1.47 22.13
C SER C 158 5.15 -2.12 21.03
N GLN C 159 5.20 -1.52 19.85
CA GLN C 159 4.56 -2.03 18.65
C GLN C 159 5.54 -1.83 17.50
N GLU C 160 5.59 -2.80 16.60
CA GLU C 160 6.45 -2.66 15.46
C GLU C 160 5.75 -2.93 14.14
N SER C 161 6.30 -2.38 13.06
CA SER C 161 5.80 -2.74 11.74
C SER C 161 6.93 -2.76 10.75
N VAL C 162 6.82 -3.62 9.75
CA VAL C 162 7.85 -3.75 8.71
C VAL C 162 7.28 -3.27 7.37
N THR C 163 8.13 -2.70 6.54
CA THR C 163 7.70 -2.26 5.21
C THR C 163 7.66 -3.47 4.31
N GLU C 164 7.05 -3.27 3.13
CA GLU C 164 7.14 -4.24 2.04
C GLU C 164 8.59 -4.19 1.56
N GLN C 165 9.00 -5.20 0.85
CA GLN C 165 10.34 -5.28 0.29
C GLN C 165 10.57 -4.08 -0.68
N ASP C 166 11.75 -3.44 -0.59
CA ASP C 166 12.06 -2.27 -1.43
C ASP C 166 12.15 -2.71 -2.91
N SER C 167 11.56 -1.92 -3.82
CA SER C 167 11.53 -2.22 -5.26
CA SER C 167 11.55 -2.22 -5.26
C SER C 167 12.90 -2.11 -5.94
N LYS C 168 13.90 -1.43 -5.31
CA LYS C 168 15.25 -1.28 -5.92
C LYS C 168 16.30 -2.17 -5.29
N ASP C 169 16.38 -2.24 -3.94
CA ASP C 169 17.44 -2.98 -3.25
C ASP C 169 16.94 -4.20 -2.48
N SER C 170 15.64 -4.51 -2.55
CA SER C 170 14.98 -5.71 -1.99
C SER C 170 15.10 -5.86 -0.47
N THR C 171 15.36 -4.77 0.23
CA THR C 171 15.51 -4.78 1.68
C THR C 171 14.20 -4.43 2.35
N TYR C 172 14.15 -4.60 3.68
CA TYR C 172 13.02 -4.24 4.51
C TYR C 172 13.48 -3.14 5.42
N SER C 173 12.52 -2.40 5.96
CA SER C 173 12.81 -1.47 7.03
C SER C 173 11.80 -1.78 8.13
N LEU C 174 12.15 -1.47 9.37
CA LEU C 174 11.29 -1.76 10.50
C LEU C 174 11.28 -0.55 11.45
N SER C 175 10.11 -0.25 11.97
CA SER C 175 9.91 0.81 12.93
C SER C 175 9.36 0.15 14.19
N SER C 176 9.93 0.49 15.35
CA SER C 176 9.44 -0.02 16.61
C SER C 176 9.17 1.17 17.51
N THR C 177 7.97 1.25 18.06
CA THR C 177 7.61 2.35 18.93
C THR C 177 7.34 1.89 20.36
N LEU C 178 8.09 2.45 21.30
CA LEU C 178 7.87 2.25 22.74
C LEU C 178 7.00 3.41 23.23
N THR C 179 5.81 3.11 23.81
CA THR C 179 4.91 4.15 24.29
C THR C 179 4.74 4.07 25.78
N LEU C 180 4.95 5.20 26.45
CA LEU C 180 4.82 5.34 27.89
C LEU C 180 4.09 6.64 28.15
N SER C 181 3.53 6.80 29.36
CA SER C 181 2.91 8.05 29.75
C SER C 181 4.08 9.02 30.05
N LYS C 182 3.84 10.35 30.01
CA LYS C 182 4.86 11.38 30.36
C LYS C 182 5.45 11.10 31.78
N ALA C 183 4.59 10.73 32.77
CA ALA C 183 5.03 10.42 34.14
C ALA C 183 6.01 9.23 34.19
N ASP C 184 5.67 8.10 33.50
CA ASP C 184 6.55 6.92 33.44
C ASP C 184 7.86 7.20 32.72
N TYR C 185 7.80 8.01 31.65
CA TYR C 185 8.97 8.43 30.86
C TYR C 185 9.96 9.25 31.71
N GLU C 186 9.42 10.20 32.50
CA GLU C 186 10.16 11.10 33.37
C GLU C 186 10.78 10.42 34.61
N LYS C 187 10.46 9.13 34.84
CA LYS C 187 10.98 8.35 35.98
C LYS C 187 12.31 7.68 35.67
N HIS C 188 12.69 7.61 34.37
CA HIS C 188 13.89 6.89 33.93
C HIS C 188 14.82 7.74 33.11
N LYS C 189 16.09 7.34 33.01
CA LYS C 189 17.10 8.10 32.29
C LYS C 189 17.47 7.52 30.91
N VAL C 190 18.02 6.28 30.88
CA VAL C 190 18.50 5.66 29.65
C VAL C 190 17.41 4.92 28.90
N TYR C 191 17.29 5.23 27.59
CA TYR C 191 16.35 4.63 26.64
C TYR C 191 17.15 4.02 25.52
N ALA C 192 17.11 2.69 25.46
CA ALA C 192 17.89 1.91 24.53
C ALA C 192 17.08 0.98 23.67
N CYS C 193 17.46 0.94 22.41
CA CYS C 193 16.88 0.06 21.43
C CYS C 193 18.03 -0.92 21.08
N GLU C 194 17.84 -2.22 21.34
CA GLU C 194 18.85 -3.24 21.05
C GLU C 194 18.43 -4.10 19.87
N VAL C 195 19.26 -4.13 18.83
CA VAL C 195 18.95 -4.85 17.59
C VAL C 195 19.81 -6.11 17.38
N THR C 196 19.16 -7.21 17.04
CA THR C 196 19.76 -8.48 16.72
C THR C 196 19.37 -8.81 15.28
N HIS C 197 20.35 -9.17 14.45
CA HIS C 197 20.13 -9.47 13.05
C HIS C 197 21.29 -10.30 12.52
N GLN C 198 21.01 -11.14 11.49
CA GLN C 198 21.99 -12.02 10.83
C GLN C 198 23.22 -11.21 10.32
N GLY C 199 22.98 -9.98 9.85
CA GLY C 199 24.02 -9.10 9.32
C GLY C 199 24.90 -8.44 10.37
N LEU C 200 24.54 -8.59 11.65
CA LEU C 200 25.30 -8.01 12.76
C LEU C 200 26.06 -9.08 13.49
N SER C 201 27.39 -8.94 13.57
CA SER C 201 28.27 -9.90 14.26
C SER C 201 27.87 -10.04 15.75
N SER C 202 27.36 -8.95 16.36
CA SER C 202 26.85 -8.89 17.73
C SER C 202 25.72 -7.84 17.81
N PRO C 203 24.83 -7.84 18.84
CA PRO C 203 23.73 -6.86 18.87
C PRO C 203 24.14 -5.40 18.93
N VAL C 204 23.49 -4.57 18.12
CA VAL C 204 23.76 -3.13 18.04
C VAL C 204 22.72 -2.39 18.90
N THR C 205 23.20 -1.57 19.85
CA THR C 205 22.36 -0.77 20.74
C THR C 205 22.45 0.70 20.41
N LYS C 206 21.30 1.33 20.18
CA LYS C 206 21.18 2.78 20.02
C LYS C 206 20.47 3.28 21.26
N SER C 207 21.05 4.24 21.94
CA SER C 207 20.48 4.75 23.17
C SER C 207 20.62 6.24 23.32
N PHE C 208 19.85 6.83 24.24
CA PHE C 208 19.99 8.24 24.61
C PHE C 208 19.64 8.37 26.06
N ASN C 209 20.01 9.50 26.66
CA ASN C 209 19.64 9.82 28.03
C ASN C 209 18.56 10.90 27.95
N ARG C 210 17.42 10.68 28.62
CA ARG C 210 16.31 11.62 28.69
C ARG C 210 16.79 13.02 29.13
N GLY C 211 16.46 14.04 28.33
CA GLY C 211 16.86 15.43 28.59
C GLY C 211 18.31 15.69 28.30
N GLU C 212 18.81 15.14 27.17
CA GLU C 212 20.20 15.29 26.69
C GLU C 212 20.24 15.17 25.17
S SO4 D . 14.44 21.03 -0.14
O1 SO4 D . 13.21 21.49 -0.79
O2 SO4 D . 15.51 20.92 -1.13
O3 SO4 D . 14.82 21.98 0.91
O4 SO4 D . 14.22 19.70 0.44
S SO4 E . -9.99 7.07 -27.50
O1 SO4 E . -8.89 6.11 -27.43
O2 SO4 E . -10.95 6.62 -28.52
O3 SO4 E . -9.48 8.40 -27.85
O4 SO4 E . -10.64 7.16 -26.21
S SO4 F . -3.01 2.55 23.72
O1 SO4 F . -1.70 1.92 23.90
O2 SO4 F . -3.73 1.90 22.67
O3 SO4 F . -2.84 3.96 23.36
O4 SO4 F . -3.79 2.46 24.97
C1 GOL G . 5.19 2.43 12.56
O1 GOL G . 4.00 2.30 11.78
C2 GOL G . 4.88 2.38 14.04
O2 GOL G . 6.01 1.83 14.76
C3 GOL G . 4.59 3.79 14.51
O3 GOL G . 4.00 3.82 15.83
S SO4 H . 24.90 -13.75 1.80
O1 SO4 H . 25.76 -13.91 0.62
O2 SO4 H . 23.52 -14.11 1.48
O3 SO4 H . 24.97 -12.36 2.25
O4 SO4 H . 25.38 -14.62 2.88
S SO4 I . 1.61 -22.34 -2.14
O1 SO4 I . 2.64 -23.31 -2.49
O2 SO4 I . 0.53 -22.38 -3.15
O3 SO4 I . 2.18 -21.00 -2.07
O4 SO4 I . 1.05 -22.69 -0.83
S SO4 J . 13.49 -5.15 -22.12
O1 SO4 J . 12.61 -5.28 -23.29
O2 SO4 J . 14.88 -4.96 -22.59
O3 SO4 J . 13.43 -6.34 -21.27
O4 SO4 J . 13.09 -3.99 -21.33
S SO4 K . 22.72 -3.30 -0.85
O1 SO4 K . 23.78 -2.35 -1.20
O2 SO4 K . 22.25 -3.94 -2.08
O3 SO4 K . 23.28 -4.30 0.07
O4 SO4 K . 21.62 -2.60 -0.20
C1 GOL L . 8.53 -4.02 -13.85
O1 GOL L . 8.14 -5.11 -13.02
C2 GOL L . 7.51 -3.66 -14.91
O2 GOL L . 7.05 -4.85 -15.56
C3 GOL L . 6.31 -2.90 -14.37
O3 GOL L . 5.14 -3.16 -15.14
H11 GOL L . 8.75 -3.14 -13.24
H12 GOL L . 9.47 -4.26 -14.35
HO1 GOL L . 8.98 -5.48 -12.66
H2 GOL L . 7.97 -3.13 -15.74
HO2 GOL L . 6.08 -4.97 -15.41
H31 GOL L . 6.15 -3.13 -13.32
H32 GOL L . 6.53 -1.83 -14.40
HO3 GOL L . 4.76 -2.28 -15.39
#